data_9DKY
#
_entry.id   9DKY
#
_cell.length_a   85.303
_cell.length_b   85.303
_cell.length_c   140.703
_cell.angle_alpha   90.000
_cell.angle_beta   90.000
_cell.angle_gamma   120.000
#
_symmetry.space_group_name_H-M   'P 64'
#
loop_
_entity.id
_entity.type
_entity.pdbx_description
1 polymer 'Dihydroorotate dehydrogenase (quinone), mitochondrial'
2 non-polymer 3-[(7-azaspiro[3.5]nonan-7-yl)methyl]-4-cyclopropyl-6-ethyl-2-methyl-2,6-dihydro-7H-pyrazolo[3,4-c]pyridin-7-one
3 non-polymer 'FLAVIN MONONUCLEOTIDE'
4 non-polymer 6-[bis(oxidanyl)methyl]-5~{H}-pyrimidine-2,4-dione
#
_entity_poly.entity_id   1
_entity_poly.type   'polypeptide(L)'
_entity_poly.pdbx_seq_one_letter_code
;MGHHHHHHAENLYFQGADPFESYNPEFFLYDIFLKFCLKYIDGEICHDLFLLLGKYNILPYDTSNDSIYACTNIKHLDFI
NPFGVAAGFDKNGVCIDSILKLGFSFIEIGTITPRGQTGNAKPRIFRDVESRSIINSCGFNNMGCDKVTENLILFRKRQE
EDKLLSKHIVGVSIGKNKDTVNIVDDLKYCINKIGRYADYIAINVSSPNTPGLRDNQEAGKLKNIILSVKEEIDNLEKNN
IMNDEFLWFNTTKKKPLVFVKLAPDLNQEQKKEIADVLLETNIDGMIISNTTTQINDIKSFENKKGGVSGAKLKDISTKF
ICEMYNYTNKQIPIIASGGIFSGLDALEKIEAGASVCQLYSCLVFNGMKSAVQIKRELNHLLYQRGYYNLKEAIGRKHSK
S
;
_entity_poly.pdbx_strand_id   A
#
loop_
_chem_comp.id
_chem_comp.type
_chem_comp.name
_chem_comp.formula
A1A59 non-polymer 3-[(7-azaspiro[3.5]nonan-7-yl)methyl]-4-cyclopropyl-6-ethyl-2-methyl-2,6-dihydro-7H-pyrazolo[3,4-c]pyridin-7-one 'C21 H30 N4 O'
FMN non-polymer 'FLAVIN MONONUCLEOTIDE' 'C17 H21 N4 O9 P'
OG6 non-polymer 6-[bis(oxidanyl)methyl]-5~{H}-pyrimidine-2,4-dione 'C5 H6 N2 O4'
#
# COMPACT_ATOMS: atom_id res chain seq x y z
N TYR A 23 -3.23 -12.89 -22.50
CA TYR A 23 -4.36 -13.73 -22.11
C TYR A 23 -5.68 -13.01 -22.34
N ASN A 24 -5.63 -11.72 -22.70
CA ASN A 24 -6.83 -10.92 -22.90
C ASN A 24 -6.53 -9.85 -23.92
N PRO A 25 -7.38 -9.67 -24.94
CA PRO A 25 -7.08 -8.68 -25.99
C PRO A 25 -7.18 -7.24 -25.51
N GLU A 26 -7.74 -6.99 -24.33
CA GLU A 26 -7.98 -5.62 -23.88
C GLU A 26 -6.77 -5.01 -23.17
N PHE A 27 -6.07 -5.79 -22.35
CA PHE A 27 -4.85 -5.30 -21.72
C PHE A 27 -3.91 -4.70 -22.76
N PHE A 28 -3.85 -5.30 -23.94
CA PHE A 28 -2.79 -5.03 -24.90
C PHE A 28 -2.90 -3.61 -25.46
N LEU A 29 -4.12 -3.12 -25.67
CA LEU A 29 -4.27 -1.77 -26.21
C LEU A 29 -3.67 -0.73 -25.27
N TYR A 30 -3.88 -0.89 -23.97
CA TYR A 30 -3.31 0.04 -23.01
C TYR A 30 -1.80 -0.07 -22.97
N ASP A 31 -1.25 -1.26 -23.17
CA ASP A 31 0.19 -1.42 -23.23
C ASP A 31 0.77 -0.75 -24.46
N ILE A 32 0.04 -0.74 -25.58
CA ILE A 32 0.51 -0.06 -26.77
C ILE A 32 0.69 1.43 -26.49
N PHE A 33 -0.37 2.08 -25.99
CA PHE A 33 -0.34 3.49 -25.68
C PHE A 33 0.58 3.82 -24.51
N LEU A 34 1.03 2.82 -23.76
CA LEU A 34 1.87 3.06 -22.59
C LEU A 34 3.20 3.70 -22.98
N LYS A 35 3.86 3.13 -23.99
CA LYS A 35 5.15 3.67 -24.41
C LYS A 35 5.03 5.14 -24.81
N PHE A 36 3.96 5.48 -25.53
CA PHE A 36 3.74 6.87 -25.91
C PHE A 36 3.56 7.76 -24.69
N CYS A 37 2.68 7.37 -23.78
CA CYS A 37 2.45 8.18 -22.59
C CYS A 37 3.72 8.30 -21.76
N LEU A 38 4.45 7.20 -21.59
CA LEU A 38 5.66 7.23 -20.77
C LEU A 38 6.72 8.13 -21.38
N LYS A 39 6.71 8.30 -22.70
CA LYS A 39 7.74 9.07 -23.38
C LYS A 39 7.39 10.55 -23.49
N TYR A 40 6.10 10.89 -23.53
CA TYR A 40 5.68 12.22 -23.93
C TYR A 40 4.78 12.93 -22.93
N ILE A 41 4.14 12.23 -22.00
CA ILE A 41 3.11 12.80 -21.14
C ILE A 41 3.64 12.89 -19.71
N ASP A 42 3.30 13.99 -19.05
CA ASP A 42 3.67 14.17 -17.65
C ASP A 42 3.14 13.03 -16.81
N GLY A 43 3.96 12.59 -15.85
CA GLY A 43 3.57 11.45 -15.03
C GLY A 43 2.23 11.64 -14.36
N GLU A 44 2.05 12.78 -13.70
CA GLU A 44 0.80 13.01 -12.99
C GLU A 44 -0.38 13.11 -13.96
N ILE A 45 -0.13 13.61 -15.17
CA ILE A 45 -1.18 13.58 -16.19
C ILE A 45 -1.51 12.14 -16.56
N CYS A 46 -0.49 11.28 -16.65
CA CYS A 46 -0.74 9.85 -16.87
C CYS A 46 -1.59 9.28 -15.75
N HIS A 47 -1.29 9.66 -14.51
CA HIS A 47 -2.05 9.15 -13.37
C HIS A 47 -3.51 9.61 -13.45
N ASP A 48 -3.72 10.90 -13.74
CA ASP A 48 -5.08 11.42 -13.82
C ASP A 48 -5.87 10.71 -14.91
N LEU A 49 -5.24 10.47 -16.07
CA LEU A 49 -5.94 9.80 -17.15
C LEU A 49 -6.27 8.36 -16.77
N PHE A 50 -5.32 7.65 -16.16
CA PHE A 50 -5.58 6.29 -15.71
C PHE A 50 -6.77 6.27 -14.75
N LEU A 51 -6.78 7.18 -13.77
CA LEU A 51 -7.86 7.20 -12.80
C LEU A 51 -9.20 7.50 -13.46
N LEU A 52 -9.19 8.40 -14.46
CA LEU A 52 -10.45 8.72 -15.13
C LEU A 52 -10.98 7.53 -15.93
N LEU A 53 -10.10 6.79 -16.60
CA LEU A 53 -10.52 5.59 -17.31
C LEU A 53 -11.17 4.61 -16.34
N GLY A 54 -10.52 4.35 -15.20
CA GLY A 54 -11.07 3.42 -14.23
C GLY A 54 -12.36 3.93 -13.61
N LYS A 55 -12.50 5.24 -13.45
CA LYS A 55 -13.75 5.79 -12.93
C LYS A 55 -14.93 5.38 -13.80
N TYR A 56 -14.73 5.29 -15.11
CA TYR A 56 -15.81 5.00 -16.04
C TYR A 56 -15.86 3.53 -16.45
N ASN A 57 -15.16 2.66 -15.73
CA ASN A 57 -15.32 1.20 -15.86
C ASN A 57 -14.98 0.71 -17.26
N ILE A 58 -13.95 1.30 -17.87
CA ILE A 58 -13.52 0.83 -19.19
C ILE A 58 -12.07 0.35 -19.14
N LEU A 59 -11.64 -0.14 -17.99
CA LEU A 59 -10.36 -0.81 -17.87
C LEU A 59 -10.52 -2.31 -18.09
N PRO A 60 -9.41 -3.03 -18.27
CA PRO A 60 -9.51 -4.48 -18.43
C PRO A 60 -9.80 -5.17 -17.10
N TYR A 61 -10.09 -6.47 -17.20
CA TYR A 61 -10.36 -7.30 -16.04
C TYR A 61 -9.47 -8.53 -16.03
N ASP A 62 -9.38 -9.18 -14.87
CA ASP A 62 -8.75 -10.49 -14.71
C ASP A 62 -9.65 -11.27 -13.75
N THR A 63 -10.55 -12.09 -14.31
CA THR A 63 -11.51 -12.83 -13.52
C THR A 63 -11.12 -14.29 -13.33
N SER A 64 -9.87 -14.65 -13.59
CA SER A 64 -9.43 -16.02 -13.43
C SER A 64 -9.38 -16.38 -11.94
N ASN A 65 -9.64 -17.64 -11.65
CA ASN A 65 -9.48 -18.15 -10.29
C ASN A 65 -8.00 -18.11 -9.90
N ASP A 66 -7.74 -17.77 -8.65
CA ASP A 66 -6.38 -17.70 -8.15
C ASP A 66 -5.93 -19.04 -7.58
N SER A 67 -4.62 -19.23 -7.52
CA SER A 67 -4.06 -20.44 -6.95
C SER A 67 -4.40 -20.53 -5.46
N ILE A 68 -4.99 -21.65 -5.06
CA ILE A 68 -5.27 -21.86 -3.64
C ILE A 68 -3.97 -22.04 -2.87
N TYR A 69 -2.86 -22.36 -3.55
CA TYR A 69 -1.56 -22.49 -2.93
C TYR A 69 -0.82 -21.17 -2.83
N ALA A 70 -1.36 -20.10 -3.41
CA ALA A 70 -0.82 -18.76 -3.25
C ALA A 70 -1.69 -17.88 -2.36
N CYS A 71 -2.88 -18.34 -1.97
CA CYS A 71 -3.64 -17.66 -0.93
C CYS A 71 -2.76 -17.42 0.28
N THR A 72 -2.71 -16.17 0.72
CA THR A 72 -1.93 -15.78 1.88
C THR A 72 -2.84 -15.14 2.92
N ASN A 73 -2.27 -14.89 4.10
CA ASN A 73 -3.02 -14.33 5.21
C ASN A 73 -2.08 -13.53 6.10
N ILE A 74 -2.64 -12.56 6.79
CA ILE A 74 -1.96 -11.87 7.88
C ILE A 74 -2.83 -12.07 9.11
N LYS A 75 -2.45 -13.03 9.97
CA LYS A 75 -3.30 -13.53 11.04
C LYS A 75 -4.66 -13.88 10.45
N HIS A 76 -5.74 -13.31 10.96
CA HIS A 76 -7.07 -13.69 10.52
C HIS A 76 -7.52 -12.98 9.24
N LEU A 77 -6.69 -12.09 8.69
CA LEU A 77 -6.99 -11.44 7.42
C LEU A 77 -6.55 -12.36 6.29
N ASP A 78 -7.49 -12.76 5.45
CA ASP A 78 -7.26 -13.76 4.41
C ASP A 78 -7.25 -13.08 3.05
N PHE A 79 -6.06 -12.99 2.45
CA PHE A 79 -5.90 -12.42 1.12
C PHE A 79 -6.01 -13.53 0.07
N ILE A 80 -6.82 -13.27 -0.97
CA ILE A 80 -7.00 -14.29 -2.00
C ILE A 80 -5.70 -14.51 -2.77
N ASN A 81 -4.87 -13.48 -2.89
CA ASN A 81 -3.56 -13.61 -3.50
C ASN A 81 -2.64 -12.56 -2.89
N PRO A 82 -1.33 -12.69 -3.09
CA PRO A 82 -0.39 -11.88 -2.30
C PRO A 82 0.02 -10.56 -2.91
N PHE A 83 -0.80 -9.98 -3.78
CA PHE A 83 -0.44 -8.75 -4.47
C PHE A 83 -1.55 -7.72 -4.35
N GLY A 84 -1.20 -6.55 -3.80
CA GLY A 84 -2.09 -5.40 -3.81
C GLY A 84 -1.41 -4.19 -4.41
N VAL A 85 -2.15 -3.08 -4.42
CA VAL A 85 -1.64 -1.80 -4.91
C VAL A 85 -1.27 -0.94 -3.72
N ALA A 86 -0.06 -0.38 -3.76
CA ALA A 86 0.44 0.39 -2.64
C ALA A 86 -0.35 1.71 -2.51
N ALA A 87 -0.14 2.37 -1.37
CA ALA A 87 -0.76 3.66 -1.14
C ALA A 87 -0.24 4.67 -2.16
N GLY A 88 -0.99 5.76 -2.31
CA GLY A 88 -0.62 6.82 -3.22
C GLY A 88 -1.06 6.62 -4.65
N PHE A 89 -1.71 5.51 -4.96
CA PHE A 89 -2.18 5.25 -6.32
C PHE A 89 -3.58 5.84 -6.52
N ASP A 90 -4.55 5.33 -5.77
CA ASP A 90 -5.88 5.92 -5.70
C ASP A 90 -5.98 6.59 -4.33
N LYS A 91 -5.35 7.76 -4.21
CA LYS A 91 -5.33 8.47 -2.94
C LYS A 91 -6.71 8.86 -2.47
N ASN A 92 -7.70 8.90 -3.36
CA ASN A 92 -9.02 9.42 -3.05
C ASN A 92 -10.14 8.39 -3.20
N GLY A 93 -9.80 7.13 -3.48
CA GLY A 93 -10.82 6.10 -3.57
C GLY A 93 -11.85 6.34 -4.66
N VAL A 94 -11.43 6.89 -5.80
CA VAL A 94 -12.32 7.13 -6.92
C VAL A 94 -12.19 6.06 -8.00
N CYS A 95 -11.35 5.06 -7.78
CA CYS A 95 -10.99 4.10 -8.82
C CYS A 95 -10.88 2.69 -8.26
N ILE A 96 -11.54 2.42 -7.13
CA ILE A 96 -11.26 1.20 -6.37
C ILE A 96 -11.68 -0.03 -7.17
N ASP A 97 -12.93 -0.05 -7.65
CA ASP A 97 -13.45 -1.23 -8.32
C ASP A 97 -12.54 -1.64 -9.48
N SER A 98 -12.23 -0.70 -10.37
CA SER A 98 -11.51 -1.04 -11.59
C SER A 98 -10.10 -1.54 -11.29
N ILE A 99 -9.41 -0.90 -10.34
CA ILE A 99 -8.06 -1.32 -10.00
C ILE A 99 -8.06 -2.73 -9.43
N LEU A 100 -8.98 -2.99 -8.50
CA LEU A 100 -9.07 -4.34 -7.92
C LEU A 100 -9.40 -5.36 -9.00
N LYS A 101 -10.35 -5.04 -9.88
CA LYS A 101 -10.76 -5.99 -10.91
C LYS A 101 -9.67 -6.23 -11.95
N LEU A 102 -8.58 -5.46 -11.92
CA LEU A 102 -7.42 -5.80 -12.75
C LEU A 102 -6.78 -7.11 -12.30
N GLY A 103 -7.05 -7.56 -11.07
CA GLY A 103 -6.54 -8.84 -10.61
C GLY A 103 -5.84 -8.80 -9.27
N PHE A 104 -5.99 -7.69 -8.55
CA PHE A 104 -5.36 -7.54 -7.25
C PHE A 104 -6.26 -8.06 -6.14
N SER A 105 -5.65 -8.57 -5.07
CA SER A 105 -6.42 -9.09 -3.95
C SER A 105 -6.83 -7.99 -2.98
N PHE A 106 -6.10 -6.87 -2.95
CA PHE A 106 -6.42 -5.78 -2.04
C PHE A 106 -5.78 -4.50 -2.57
N ILE A 107 -6.22 -3.38 -2.00
CA ILE A 107 -5.70 -2.07 -2.36
C ILE A 107 -5.60 -1.23 -1.10
N GLU A 108 -4.58 -0.37 -1.07
CA GLU A 108 -4.36 0.57 0.03
C GLU A 108 -4.58 1.98 -0.52
N ILE A 109 -5.71 2.58 -0.17
CA ILE A 109 -6.03 3.92 -0.64
C ILE A 109 -5.35 4.93 0.29
N GLY A 110 -5.26 6.18 -0.14
CA GLY A 110 -4.50 7.17 0.59
C GLY A 110 -3.12 7.37 0.00
N THR A 111 -2.23 7.95 0.81
CA THR A 111 -2.52 8.40 2.17
C THR A 111 -3.51 9.55 2.20
N ILE A 112 -4.47 9.48 3.13
CA ILE A 112 -5.47 10.51 3.29
C ILE A 112 -5.17 11.31 4.54
N THR A 113 -5.71 12.51 4.60
CA THR A 113 -5.64 13.40 5.74
C THR A 113 -7.06 13.87 6.06
N PRO A 114 -7.29 14.33 7.29
CA PRO A 114 -8.66 14.79 7.63
C PRO A 114 -9.19 15.84 6.66
N ARG A 115 -8.41 16.88 6.40
CA ARG A 115 -8.78 17.95 5.49
C ARG A 115 -8.06 17.78 4.16
N GLY A 116 -8.71 18.26 3.10
CA GLY A 116 -8.09 18.24 1.79
C GLY A 116 -6.78 19.00 1.76
N GLN A 117 -5.96 18.67 0.77
CA GLN A 117 -4.69 19.34 0.57
C GLN A 117 -4.34 19.25 -0.91
N THR A 118 -3.81 20.32 -1.46
CA THR A 118 -3.43 20.33 -2.86
C THR A 118 -1.99 19.85 -3.08
N GLY A 119 -1.19 19.76 -2.04
CA GLY A 119 0.16 19.24 -2.18
C GLY A 119 1.14 20.28 -2.69
N ASN A 120 2.36 19.81 -2.94
CA ASN A 120 3.40 20.69 -3.42
C ASN A 120 3.11 21.14 -4.85
N ALA A 121 3.85 22.16 -5.30
CA ALA A 121 3.63 22.71 -6.63
C ALA A 121 4.01 21.70 -7.71
N LYS A 122 3.25 21.73 -8.81
CA LYS A 122 3.56 20.90 -9.96
C LYS A 122 4.56 21.62 -10.87
N PRO A 123 5.35 20.88 -11.64
CA PRO A 123 5.44 19.42 -11.74
C PRO A 123 6.07 18.83 -10.49
N ARG A 124 5.59 17.66 -10.06
CA ARG A 124 6.08 17.03 -8.84
C ARG A 124 6.34 15.54 -8.99
N ILE A 125 6.15 14.98 -10.17
CA ILE A 125 6.42 13.57 -10.44
C ILE A 125 7.25 13.47 -11.71
N PHE A 126 8.37 12.77 -11.62
CA PHE A 126 9.30 12.64 -12.74
C PHE A 126 9.75 11.19 -12.82
N ARG A 127 9.78 10.67 -14.04
CA ARG A 127 10.12 9.29 -14.30
C ARG A 127 11.47 9.20 -15.00
N ASP A 128 12.23 8.15 -14.68
CA ASP A 128 13.45 7.79 -15.40
C ASP A 128 13.21 6.40 -15.98
N VAL A 129 12.94 6.32 -17.28
CA VAL A 129 12.53 5.07 -17.89
C VAL A 129 13.66 4.04 -17.84
N GLU A 130 14.91 4.50 -18.04
CA GLU A 130 16.01 3.55 -18.18
C GLU A 130 16.21 2.73 -16.91
N SER A 131 16.15 3.38 -15.75
CA SER A 131 16.27 2.69 -14.47
C SER A 131 14.92 2.26 -13.91
N ARG A 132 13.83 2.48 -14.65
CA ARG A 132 12.48 2.14 -14.18
C ARG A 132 12.24 2.67 -12.77
N SER A 133 12.54 3.96 -12.60
CA SER A 133 12.42 4.62 -11.31
C SER A 133 11.57 5.87 -11.44
N ILE A 134 11.03 6.30 -10.31
CA ILE A 134 10.21 7.50 -10.23
C ILE A 134 10.65 8.30 -9.02
N ILE A 135 10.56 9.62 -9.13
CA ILE A 135 10.74 10.51 -7.99
C ILE A 135 9.51 11.41 -7.89
N ASN A 136 9.00 11.57 -6.67
CA ASN A 136 7.75 12.29 -6.47
C ASN A 136 7.89 13.20 -5.25
N SER A 137 7.26 14.36 -5.33
CA SER A 137 7.13 15.29 -4.22
C SER A 137 5.68 15.77 -4.17
N CYS A 138 4.76 14.82 -4.01
CA CYS A 138 3.34 15.15 -4.09
C CYS A 138 2.89 15.99 -2.90
N GLY A 139 3.22 15.56 -1.69
CA GLY A 139 2.84 16.30 -0.50
C GLY A 139 1.43 16.04 -0.02
N PHE A 140 1.02 14.77 -0.01
CA PHE A 140 -0.30 14.37 0.50
C PHE A 140 -1.43 15.18 -0.15
N ASN A 141 -1.49 15.14 -1.47
CA ASN A 141 -2.60 15.77 -2.18
C ASN A 141 -3.80 14.83 -2.13
N ASN A 142 -4.90 15.31 -1.55
CA ASN A 142 -6.12 14.52 -1.43
C ASN A 142 -7.28 15.47 -1.14
N MET A 143 -8.50 14.94 -1.29
CA MET A 143 -9.70 15.74 -1.12
C MET A 143 -10.24 15.71 0.31
N GLY A 144 -9.59 14.99 1.22
CA GLY A 144 -9.98 14.99 2.61
C GLY A 144 -10.77 13.76 3.00
N CYS A 145 -10.81 13.51 4.32
CA CYS A 145 -11.38 12.28 4.83
C CYS A 145 -12.87 12.16 4.49
N ASP A 146 -13.64 13.22 4.72
CA ASP A 146 -15.08 13.14 4.55
C ASP A 146 -15.44 12.69 3.14
N LYS A 147 -14.85 13.33 2.12
CA LYS A 147 -15.15 12.96 0.75
C LYS A 147 -14.71 11.53 0.46
N VAL A 148 -13.49 11.18 0.86
CA VAL A 148 -12.99 9.84 0.61
C VAL A 148 -13.85 8.80 1.31
N THR A 149 -14.34 9.14 2.51
CA THR A 149 -15.23 8.23 3.21
C THR A 149 -16.50 7.97 2.41
N GLU A 150 -17.07 9.04 1.83
CA GLU A 150 -18.25 8.87 0.99
C GLU A 150 -17.95 7.95 -0.19
N ASN A 151 -16.76 8.08 -0.78
CA ASN A 151 -16.41 7.23 -1.91
C ASN A 151 -16.28 5.78 -1.47
N LEU A 152 -15.66 5.52 -0.32
CA LEU A 152 -15.54 4.15 0.16
C LEU A 152 -16.90 3.57 0.52
N ILE A 153 -17.82 4.40 1.00
CA ILE A 153 -19.18 3.92 1.28
C ILE A 153 -19.85 3.50 -0.02
N LEU A 154 -19.74 4.34 -1.06
CA LEU A 154 -20.26 3.96 -2.37
C LEU A 154 -19.66 2.64 -2.82
N PHE A 155 -18.35 2.46 -2.62
CA PHE A 155 -17.70 1.22 -3.03
C PHE A 155 -18.27 0.03 -2.27
N ARG A 156 -18.38 0.15 -0.95
CA ARG A 156 -18.90 -0.97 -0.16
C ARG A 156 -20.31 -1.33 -0.56
N LYS A 157 -21.12 -0.36 -0.96
CA LYS A 157 -22.46 -0.66 -1.44
C LYS A 157 -22.41 -1.36 -2.80
N ARG A 158 -21.51 -0.93 -3.68
CA ARG A 158 -21.34 -1.63 -4.94
C ARG A 158 -20.76 -3.02 -4.72
N GLN A 159 -19.87 -3.17 -3.73
CA GLN A 159 -19.30 -4.47 -3.45
C GLN A 159 -20.37 -5.49 -3.08
N GLU A 160 -21.42 -5.03 -2.39
CA GLU A 160 -22.50 -5.95 -2.02
C GLU A 160 -23.19 -6.55 -3.24
N GLU A 161 -23.17 -5.82 -4.36
CA GLU A 161 -23.91 -6.21 -5.56
C GLU A 161 -23.01 -6.64 -6.72
N ASP A 162 -21.70 -6.75 -6.49
CA ASP A 162 -20.75 -7.08 -7.55
C ASP A 162 -19.95 -8.31 -7.12
N LYS A 163 -20.13 -9.41 -7.85
CA LYS A 163 -19.45 -10.66 -7.52
C LYS A 163 -17.95 -10.55 -7.69
N LEU A 164 -17.48 -9.72 -8.62
CA LEU A 164 -16.05 -9.59 -8.86
C LEU A 164 -15.32 -8.85 -7.75
N LEU A 165 -16.05 -8.28 -6.79
CA LEU A 165 -15.45 -7.59 -5.65
C LEU A 165 -15.58 -8.36 -4.35
N SER A 166 -16.27 -9.50 -4.37
CA SER A 166 -16.44 -10.29 -3.16
C SER A 166 -15.10 -10.76 -2.62
N LYS A 167 -14.95 -10.70 -1.30
CA LYS A 167 -13.77 -11.13 -0.57
C LYS A 167 -12.56 -10.22 -0.79
N HIS A 168 -12.69 -9.18 -1.61
CA HIS A 168 -11.59 -8.24 -1.81
C HIS A 168 -11.43 -7.35 -0.59
N ILE A 169 -10.20 -6.90 -0.37
CA ILE A 169 -9.82 -6.20 0.85
C ILE A 169 -9.41 -4.78 0.51
N VAL A 170 -9.84 -3.84 1.34
CA VAL A 170 -9.53 -2.42 1.17
C VAL A 170 -8.95 -1.90 2.46
N GLY A 171 -7.67 -1.51 2.43
CA GLY A 171 -7.05 -0.82 3.52
C GLY A 171 -6.97 0.66 3.23
N VAL A 172 -6.87 1.46 4.29
CA VAL A 172 -6.81 2.91 4.18
C VAL A 172 -5.52 3.37 4.84
N SER A 173 -4.67 4.03 4.06
CA SER A 173 -3.46 4.66 4.59
C SER A 173 -3.81 6.05 5.11
N ILE A 174 -3.42 6.33 6.35
CA ILE A 174 -3.75 7.59 6.99
C ILE A 174 -2.47 8.31 7.37
N GLY A 175 -2.52 9.64 7.28
CA GLY A 175 -1.39 10.47 7.64
C GLY A 175 -1.88 11.75 8.29
N LYS A 176 -1.03 12.78 8.29
CA LYS A 176 -1.33 14.05 8.92
C LYS A 176 -1.32 15.17 7.88
N ASN A 177 -2.17 16.17 8.10
CA ASN A 177 -2.09 17.38 7.29
C ASN A 177 -0.76 18.09 7.57
N LYS A 178 -0.28 18.82 6.57
CA LYS A 178 1.04 19.42 6.67
C LYS A 178 1.14 20.36 7.87
N ASP A 179 0.07 21.08 8.17
CA ASP A 179 0.09 22.14 9.17
C ASP A 179 -0.40 21.69 10.55
N THR A 180 -0.69 20.41 10.73
CA THR A 180 -1.26 19.96 12.00
C THR A 180 -0.23 20.03 13.12
N VAL A 181 -0.69 20.40 14.31
CA VAL A 181 0.21 20.56 15.45
C VAL A 181 0.46 19.22 16.11
N ASN A 182 -0.58 18.42 16.32
CA ASN A 182 -0.47 17.09 16.91
C ASN A 182 -0.98 16.06 15.91
N ILE A 183 -0.34 14.90 15.92
CA ILE A 183 -0.62 13.87 14.93
C ILE A 183 -1.78 12.98 15.34
N VAL A 184 -1.84 12.60 16.62
CA VAL A 184 -2.87 11.68 17.08
C VAL A 184 -4.26 12.23 16.78
N ASP A 185 -4.43 13.56 16.86
CA ASP A 185 -5.74 14.13 16.62
C ASP A 185 -6.24 13.83 15.21
N ASP A 186 -5.38 14.04 14.21
CA ASP A 186 -5.78 13.76 12.83
C ASP A 186 -6.10 12.27 12.65
N LEU A 187 -5.27 11.40 13.23
CA LEU A 187 -5.51 9.97 13.09
C LEU A 187 -6.84 9.57 13.73
N LYS A 188 -7.16 10.15 14.90
CA LYS A 188 -8.40 9.79 15.57
C LYS A 188 -9.63 10.23 14.77
N TYR A 189 -9.56 11.40 14.15
CA TYR A 189 -10.70 11.87 13.37
C TYR A 189 -10.97 10.93 12.20
N CYS A 190 -9.92 10.53 11.48
CA CYS A 190 -10.09 9.60 10.37
C CYS A 190 -10.72 8.29 10.84
N ILE A 191 -10.22 7.75 11.96
CA ILE A 191 -10.80 6.51 12.49
C ILE A 191 -12.29 6.71 12.78
N ASN A 192 -12.64 7.83 13.41
CA ASN A 192 -14.01 8.05 13.82
C ASN A 192 -14.96 8.29 12.65
N LYS A 193 -14.44 8.58 11.46
CA LYS A 193 -15.27 8.78 10.29
C LYS A 193 -15.27 7.58 9.35
N ILE A 194 -14.10 6.98 9.09
CA ILE A 194 -13.96 5.95 8.08
C ILE A 194 -13.66 4.58 8.68
N GLY A 195 -13.47 4.49 10.00
CA GLY A 195 -12.95 3.26 10.58
C GLY A 195 -13.82 2.05 10.33
N ARG A 196 -15.14 2.21 10.41
CA ARG A 196 -16.04 1.08 10.31
C ARG A 196 -16.24 0.60 8.88
N TYR A 197 -15.51 1.17 7.92
CA TYR A 197 -15.56 0.73 6.53
C TYR A 197 -14.24 0.17 6.05
N ALA A 198 -13.20 0.16 6.87
CA ALA A 198 -11.87 -0.24 6.47
C ALA A 198 -11.55 -1.64 6.99
N ASP A 199 -10.84 -2.41 6.17
CA ASP A 199 -10.36 -3.72 6.61
C ASP A 199 -9.09 -3.59 7.44
N TYR A 200 -8.20 -2.68 7.06
CA TYR A 200 -7.02 -2.40 7.87
C TYR A 200 -6.64 -0.93 7.69
N ILE A 201 -5.91 -0.42 8.68
CA ILE A 201 -5.42 0.94 8.69
C ILE A 201 -3.90 0.91 8.63
N ALA A 202 -3.32 1.66 7.70
CA ALA A 202 -1.88 1.79 7.56
C ALA A 202 -1.47 3.17 8.06
N ILE A 203 -0.59 3.20 9.05
CA ILE A 203 -0.10 4.45 9.62
C ILE A 203 1.14 4.88 8.85
N ASN A 204 1.07 6.02 8.17
CA ASN A 204 2.17 6.53 7.36
C ASN A 204 2.97 7.53 8.18
N VAL A 205 4.12 7.09 8.70
CA VAL A 205 5.05 7.94 9.43
C VAL A 205 6.36 7.99 8.65
N SER A 206 6.29 7.83 7.33
CA SER A 206 7.49 7.64 6.53
C SER A 206 7.55 8.47 5.26
N SER A 207 6.57 9.33 5.02
CA SER A 207 6.60 10.14 3.80
C SER A 207 7.84 11.04 3.78
N PRO A 208 8.56 11.12 2.67
CA PRO A 208 9.65 12.10 2.55
C PRO A 208 9.22 13.48 2.10
N ASN A 209 7.92 13.68 1.84
CA ASN A 209 7.41 14.88 1.20
C ASN A 209 6.67 15.81 2.17
N THR A 210 6.87 15.62 3.48
CA THR A 210 6.39 16.52 4.50
C THR A 210 7.60 17.22 5.13
N PRO A 211 7.60 18.56 5.19
CA PRO A 211 8.85 19.25 5.60
C PRO A 211 9.40 18.79 6.93
N GLY A 212 8.54 18.54 7.91
CA GLY A 212 8.99 17.85 9.10
C GLY A 212 9.61 16.55 8.63
N LEU A 213 10.94 16.44 8.68
CA LEU A 213 11.62 15.35 8.00
C LEU A 213 11.04 14.01 8.45
N ARG A 214 10.49 13.27 7.47
CA ARG A 214 9.67 12.09 7.72
C ARG A 214 8.75 12.44 8.90
N ASP A 215 8.63 11.55 9.90
CA ASP A 215 7.69 11.80 10.98
C ASP A 215 8.28 11.30 12.29
N ASN A 216 7.50 11.42 13.37
CA ASN A 216 7.97 10.98 14.68
C ASN A 216 8.01 9.46 14.76
N GLN A 217 8.97 8.86 14.05
CA GLN A 217 9.22 7.42 14.14
C GLN A 217 9.98 7.05 15.41
N GLU A 218 10.28 8.02 16.26
CA GLU A 218 10.90 7.75 17.56
C GLU A 218 9.99 6.85 18.38
N ALA A 219 10.62 6.03 19.22
CA ALA A 219 9.88 4.95 19.89
C ALA A 219 8.75 5.48 20.76
N GLY A 220 9.04 6.47 21.60
CA GLY A 220 8.02 6.96 22.52
C GLY A 220 6.80 7.50 21.80
N LYS A 221 7.03 8.37 20.82
CA LYS A 221 5.92 8.92 20.04
C LYS A 221 5.15 7.80 19.35
N LEU A 222 5.87 6.88 18.71
CA LEU A 222 5.21 5.83 17.94
C LEU A 222 4.36 4.94 18.83
N LYS A 223 4.87 4.59 20.01
CA LYS A 223 4.10 3.75 20.92
C LYS A 223 2.78 4.43 21.30
N ASN A 224 2.85 5.71 21.68
CA ASN A 224 1.64 6.44 22.03
C ASN A 224 0.69 6.53 20.85
N ILE A 225 1.23 6.77 19.66
CA ILE A 225 0.39 6.86 18.47
C ILE A 225 -0.35 5.55 18.24
N ILE A 226 0.37 4.44 18.26
CA ILE A 226 -0.25 3.14 18.00
C ILE A 226 -1.35 2.85 19.02
N LEU A 227 -1.04 3.08 20.30
CA LEU A 227 -2.00 2.76 21.35
C LEU A 227 -3.25 3.62 21.23
N SER A 228 -3.09 4.89 20.82
CA SER A 228 -4.26 5.75 20.65
C SER A 228 -5.14 5.25 19.52
N VAL A 229 -4.53 4.83 18.40
CA VAL A 229 -5.30 4.30 17.29
C VAL A 229 -6.08 3.07 17.72
N LYS A 230 -5.40 2.14 18.41
CA LYS A 230 -6.07 0.92 18.85
C LYS A 230 -7.23 1.24 19.79
N GLU A 231 -7.06 2.24 20.65
CA GLU A 231 -8.14 2.61 21.55
C GLU A 231 -9.33 3.16 20.79
N GLU A 232 -9.09 3.99 19.78
CA GLU A 232 -10.19 4.55 19.01
C GLU A 232 -10.95 3.46 18.25
N ILE A 233 -10.22 2.50 17.68
CA ILE A 233 -10.88 1.38 17.02
C ILE A 233 -11.76 0.63 18.01
N ASP A 234 -11.21 0.33 19.19
CA ASP A 234 -11.98 -0.38 20.19
C ASP A 234 -13.19 0.41 20.65
N ASN A 235 -13.10 1.74 20.66
CA ASN A 235 -14.20 2.54 21.17
C ASN A 235 -15.37 2.59 20.18
N LEU A 236 -15.09 2.56 18.88
CA LEU A 236 -16.18 2.45 17.92
C LEU A 236 -17.03 1.23 18.19
N GLU A 237 -16.38 0.10 18.50
CA GLU A 237 -17.10 -1.12 18.84
C GLU A 237 -17.98 -0.92 20.07
N LYS A 238 -17.39 -0.44 21.17
CA LYS A 238 -18.11 -0.39 22.43
C LYS A 238 -19.42 0.38 22.31
N ASN A 239 -19.35 1.58 21.73
CA ASN A 239 -20.50 2.49 21.72
C ASN A 239 -21.37 2.21 20.50
N ASN A 240 -22.12 1.11 20.58
CA ASN A 240 -23.08 0.82 19.53
C ASN A 240 -24.05 -0.24 20.00
N ILE A 241 -25.25 -0.20 19.43
CA ILE A 241 -26.31 -1.15 19.76
C ILE A 241 -26.38 -2.30 18.76
N MET A 242 -25.89 -2.10 17.54
CA MET A 242 -26.00 -3.11 16.50
C MET A 242 -24.97 -4.22 16.69
N ASN A 243 -25.26 -5.37 16.10
CA ASN A 243 -24.30 -6.46 16.08
C ASN A 243 -23.02 -6.02 15.36
N ASP A 244 -22.02 -6.89 15.41
CA ASP A 244 -20.76 -6.58 14.72
C ASP A 244 -20.90 -6.70 13.21
N GLU A 245 -21.78 -7.59 12.74
CA GLU A 245 -22.00 -7.73 11.31
C GLU A 245 -22.42 -6.39 10.69
N PHE A 246 -23.36 -5.70 11.31
CA PHE A 246 -23.88 -4.45 10.77
C PHE A 246 -23.04 -3.25 11.16
N LEU A 247 -22.19 -3.37 12.19
CA LEU A 247 -21.30 -2.28 12.52
C LEU A 247 -20.20 -2.14 11.49
N TRP A 248 -19.52 -3.25 11.19
CA TRP A 248 -18.38 -3.25 10.27
C TRP A 248 -18.90 -3.44 8.86
N PHE A 249 -19.02 -2.33 8.12
CA PHE A 249 -19.42 -2.38 6.72
C PHE A 249 -18.18 -2.53 5.83
N ASN A 250 -17.50 -3.66 6.02
CA ASN A 250 -16.26 -3.95 5.34
C ASN A 250 -16.37 -5.37 4.78
N THR A 251 -15.22 -5.96 4.45
CA THR A 251 -15.20 -7.33 3.94
C THR A 251 -15.28 -8.34 5.08
N THR A 252 -14.53 -8.10 6.16
CA THR A 252 -14.41 -9.08 7.22
C THR A 252 -15.57 -9.08 8.19
N LYS A 253 -16.34 -8.00 8.24
CA LYS A 253 -17.33 -7.78 9.30
C LYS A 253 -16.67 -7.76 10.67
N LYS A 254 -15.37 -7.46 10.71
CA LYS A 254 -14.58 -7.46 11.94
C LYS A 254 -13.84 -6.14 12.05
N LYS A 255 -13.37 -5.86 13.26
CA LYS A 255 -12.69 -4.60 13.51
C LYS A 255 -11.40 -4.53 12.69
N PRO A 256 -11.02 -3.34 12.23
CA PRO A 256 -9.84 -3.24 11.37
C PRO A 256 -8.55 -3.56 12.08
N LEU A 257 -7.64 -4.24 11.37
CA LEU A 257 -6.29 -4.45 11.87
C LEU A 257 -5.48 -3.16 11.77
N VAL A 258 -4.29 -3.18 12.35
CA VAL A 258 -3.43 -1.99 12.44
C VAL A 258 -2.06 -2.33 11.89
N PHE A 259 -1.64 -1.61 10.86
CA PHE A 259 -0.31 -1.73 10.29
C PHE A 259 0.41 -0.39 10.40
N VAL A 260 1.74 -0.45 10.30
CA VAL A 260 2.58 0.75 10.32
C VAL A 260 3.44 0.76 9.06
N LYS A 261 3.59 1.93 8.46
CA LYS A 261 4.41 2.13 7.27
C LYS A 261 5.71 2.82 7.69
N LEU A 262 6.83 2.20 7.35
CA LEU A 262 8.14 2.66 7.79
C LEU A 262 8.95 3.23 6.64
N ALA A 263 9.90 4.14 6.98
CA ALA A 263 10.80 4.77 6.02
C ALA A 263 12.12 4.00 5.97
N PRO A 264 12.83 4.03 4.84
CA PRO A 264 14.10 3.32 4.77
C PRO A 264 15.29 4.09 5.31
N ASP A 265 15.14 5.39 5.57
CA ASP A 265 16.26 6.23 6.01
C ASP A 265 16.28 6.25 7.53
N LEU A 266 16.78 5.15 8.09
CA LEU A 266 16.88 4.98 9.53
C LEU A 266 18.20 4.27 9.86
N ASN A 267 18.73 4.55 11.04
CA ASN A 267 19.89 3.83 11.53
C ASN A 267 19.44 2.58 12.28
N GLN A 268 20.41 1.72 12.62
CA GLN A 268 20.08 0.43 13.21
C GLN A 268 19.47 0.59 14.60
N GLU A 269 19.94 1.57 15.36
CA GLU A 269 19.36 1.79 16.70
C GLU A 269 17.88 2.11 16.59
N GLN A 270 17.51 3.01 15.68
CA GLN A 270 16.10 3.35 15.51
C GLN A 270 15.28 2.13 15.10
N LYS A 271 15.79 1.35 14.15
CA LYS A 271 15.08 0.15 13.71
C LYS A 271 14.87 -0.81 14.87
N LYS A 272 15.90 -1.00 15.70
CA LYS A 272 15.76 -1.89 16.85
C LYS A 272 14.77 -1.33 17.86
N GLU A 273 14.78 -0.01 18.07
CA GLU A 273 13.88 0.58 19.05
C GLU A 273 12.43 0.45 18.61
N ILE A 274 12.13 0.68 17.32
CA ILE A 274 10.76 0.57 16.86
C ILE A 274 10.29 -0.88 16.95
N ALA A 275 11.17 -1.83 16.61
CA ALA A 275 10.80 -3.24 16.72
C ALA A 275 10.38 -3.58 18.15
N ASP A 276 11.11 -3.07 19.13
CA ASP A 276 10.72 -3.29 20.53
C ASP A 276 9.36 -2.66 20.82
N VAL A 277 9.10 -1.48 20.26
CA VAL A 277 7.81 -0.83 20.49
C VAL A 277 6.69 -1.65 19.85
N LEU A 278 6.90 -2.14 18.62
CA LEU A 278 5.86 -2.91 17.96
C LEU A 278 5.51 -4.17 18.75
N LEU A 279 6.53 -4.83 19.30
CA LEU A 279 6.27 -6.02 20.11
C LEU A 279 5.48 -5.66 21.36
N GLU A 280 5.83 -4.55 22.02
CA GLU A 280 5.15 -4.17 23.26
C GLU A 280 3.70 -3.77 23.00
N THR A 281 3.45 -3.10 21.87
CA THR A 281 2.12 -2.59 21.59
C THR A 281 1.24 -3.55 20.79
N ASN A 282 1.79 -4.68 20.36
CA ASN A 282 1.00 -5.73 19.69
C ASN A 282 0.41 -5.21 18.37
N ILE A 283 1.25 -4.54 17.58
CA ILE A 283 0.80 -4.10 16.26
C ILE A 283 0.52 -5.33 15.39
N ASP A 284 -0.45 -5.18 14.48
CA ASP A 284 -0.84 -6.32 13.65
C ASP A 284 0.06 -6.52 12.44
N GLY A 285 0.83 -5.50 12.07
CA GLY A 285 1.71 -5.64 10.92
C GLY A 285 2.54 -4.39 10.73
N MET A 286 3.56 -4.53 9.90
CA MET A 286 4.41 -3.41 9.52
C MET A 286 4.67 -3.46 8.03
N ILE A 287 4.41 -2.33 7.36
CA ILE A 287 4.66 -2.18 5.94
C ILE A 287 6.04 -1.56 5.79
N ILE A 288 7.00 -2.32 5.26
CA ILE A 288 8.38 -1.90 5.10
C ILE A 288 8.73 -2.04 3.63
N SER A 289 8.91 -0.91 2.92
CA SER A 289 8.98 0.45 3.48
C SER A 289 8.52 1.49 2.46
N ASN A 290 8.61 2.77 2.83
CA ASN A 290 8.27 3.87 1.93
C ASN A 290 9.51 4.24 1.10
N THR A 291 9.43 5.35 0.37
CA THR A 291 10.51 5.74 -0.52
C THR A 291 11.68 6.31 0.26
N THR A 292 12.80 6.51 -0.45
CA THR A 292 14.02 7.05 0.13
C THR A 292 14.43 8.32 -0.60
N THR A 293 15.05 9.23 0.14
CA THR A 293 15.59 10.48 -0.40
C THR A 293 17.10 10.45 -0.49
N GLN A 294 17.73 9.29 -0.26
CA GLN A 294 19.17 9.18 -0.15
C GLN A 294 19.81 8.62 -1.41
N ILE A 295 19.05 8.46 -2.48
CA ILE A 295 19.57 7.95 -3.75
C ILE A 295 20.04 9.13 -4.59
N ASN A 296 21.30 9.07 -5.04
CA ASN A 296 21.94 10.20 -5.69
C ASN A 296 22.56 9.85 -7.05
N ASP A 297 22.24 8.69 -7.61
CA ASP A 297 22.84 8.27 -8.88
C ASP A 297 21.79 8.14 -9.98
N ILE A 298 20.76 8.97 -9.95
CA ILE A 298 19.78 9.07 -11.02
C ILE A 298 20.01 10.39 -11.73
N LYS A 299 20.44 10.32 -12.98
CA LYS A 299 20.89 11.51 -13.69
C LYS A 299 19.78 12.54 -13.82
N SER A 300 18.60 12.12 -14.26
CA SER A 300 17.52 13.06 -14.52
C SER A 300 16.91 13.62 -13.24
N PHE A 301 17.12 12.96 -12.11
CA PHE A 301 16.52 13.38 -10.84
C PHE A 301 17.47 14.20 -9.97
N GLU A 302 18.67 14.51 -10.47
CA GLU A 302 19.66 15.18 -9.62
C GLU A 302 19.15 16.51 -9.12
N ASN A 303 18.44 17.25 -9.96
CA ASN A 303 17.87 18.54 -9.58
C ASN A 303 16.42 18.44 -9.14
N LYS A 304 15.90 17.24 -8.95
CA LYS A 304 14.52 17.03 -8.56
C LYS A 304 14.41 16.76 -7.06
N LYS A 305 13.44 17.39 -6.41
CA LYS A 305 13.13 17.11 -5.02
C LYS A 305 12.18 15.93 -4.92
N GLY A 306 12.23 15.24 -3.79
CA GLY A 306 11.28 14.20 -3.47
C GLY A 306 11.94 12.86 -3.23
N GLY A 307 11.09 11.88 -2.96
CA GLY A 307 11.53 10.51 -2.72
C GLY A 307 11.45 9.69 -3.98
N VAL A 308 12.35 8.72 -4.10
CA VAL A 308 12.47 7.89 -5.29
C VAL A 308 11.78 6.55 -5.05
N SER A 309 11.03 6.11 -6.06
CA SER A 309 10.32 4.83 -6.03
C SER A 309 10.85 3.93 -7.14
N GLY A 310 10.54 2.65 -7.02
CA GLY A 310 10.82 1.71 -8.10
C GLY A 310 11.93 0.73 -7.84
N ALA A 311 12.59 0.30 -8.91
CA ALA A 311 13.54 -0.81 -8.81
C ALA A 311 14.72 -0.46 -7.91
N LYS A 312 15.16 0.80 -7.92
CA LYS A 312 16.34 1.18 -7.14
C LYS A 312 16.10 1.06 -5.64
N LEU A 313 14.84 0.94 -5.21
CA LEU A 313 14.53 0.74 -3.79
C LEU A 313 14.42 -0.73 -3.41
N LYS A 314 14.44 -1.64 -4.38
CA LYS A 314 14.17 -3.04 -4.12
C LYS A 314 15.13 -3.60 -3.09
N ASP A 315 16.43 -3.63 -3.40
CA ASP A 315 17.40 -4.26 -2.52
C ASP A 315 17.39 -3.61 -1.15
N ILE A 316 17.35 -2.28 -1.10
CA ILE A 316 17.29 -1.57 0.18
C ILE A 316 16.15 -2.12 1.02
N SER A 317 14.95 -2.17 0.43
CA SER A 317 13.78 -2.59 1.21
C SER A 317 13.87 -4.05 1.62
N THR A 318 14.44 -4.90 0.76
CA THR A 318 14.58 -6.31 1.11
C THR A 318 15.44 -6.45 2.37
N LYS A 319 16.59 -5.76 2.41
CA LYS A 319 17.43 -5.79 3.59
C LYS A 319 16.64 -5.38 4.83
N PHE A 320 15.87 -4.29 4.72
CA PHE A 320 15.06 -3.82 5.84
C PHE A 320 14.13 -4.93 6.32
N ILE A 321 13.57 -5.71 5.40
CA ILE A 321 12.70 -6.81 5.78
C ILE A 321 13.46 -7.82 6.63
N CYS A 322 14.64 -8.23 6.15
CA CYS A 322 15.43 -9.19 6.92
C CYS A 322 15.72 -8.67 8.32
N GLU A 323 16.04 -7.37 8.43
CA GLU A 323 16.39 -6.81 9.74
C GLU A 323 15.19 -6.86 10.69
N MET A 324 14.05 -6.33 10.26
CA MET A 324 12.91 -6.26 11.16
C MET A 324 12.36 -7.64 11.47
N TYR A 325 12.27 -8.51 10.46
CA TYR A 325 11.85 -9.88 10.71
C TYR A 325 12.72 -10.53 11.77
N ASN A 326 14.01 -10.19 11.80
CA ASN A 326 14.90 -10.71 12.82
C ASN A 326 14.80 -9.90 14.11
N TYR A 327 14.74 -8.56 14.00
CA TYR A 327 14.64 -7.74 15.19
C TYR A 327 13.36 -8.03 15.98
N THR A 328 12.29 -8.42 15.30
CA THR A 328 11.03 -8.76 15.93
C THR A 328 10.88 -10.25 16.19
N ASN A 329 11.95 -11.02 16.02
CA ASN A 329 11.95 -12.45 16.31
C ASN A 329 10.87 -13.19 15.52
N LYS A 330 10.60 -12.72 14.30
CA LYS A 330 9.65 -13.35 13.39
C LYS A 330 8.23 -13.35 13.96
N GLN A 331 7.94 -12.43 14.87
CA GLN A 331 6.64 -12.38 15.52
C GLN A 331 5.71 -11.33 14.93
N ILE A 332 6.20 -10.49 14.02
CA ILE A 332 5.42 -9.40 13.44
C ILE A 332 5.35 -9.64 11.93
N PRO A 333 4.17 -9.83 11.35
CA PRO A 333 4.09 -10.02 9.90
C PRO A 333 4.57 -8.78 9.15
N ILE A 334 5.00 -9.00 7.91
CA ILE A 334 5.66 -7.98 7.10
C ILE A 334 4.92 -7.85 5.78
N ILE A 335 4.60 -6.61 5.42
CA ILE A 335 4.04 -6.27 4.12
C ILE A 335 5.15 -5.58 3.33
N ALA A 336 5.50 -6.15 2.18
CA ALA A 336 6.63 -5.66 1.39
C ALA A 336 6.17 -4.63 0.37
N SER A 337 6.91 -3.53 0.28
CA SER A 337 6.68 -2.51 -0.73
C SER A 337 8.03 -1.93 -1.14
N GLY A 338 8.29 -1.90 -2.45
CA GLY A 338 9.51 -1.30 -2.95
C GLY A 338 10.19 -2.08 -4.05
N GLY A 339 10.05 -1.59 -5.29
CA GLY A 339 10.79 -2.15 -6.40
C GLY A 339 10.38 -3.55 -6.80
N ILE A 340 9.14 -3.93 -6.54
CA ILE A 340 8.63 -5.25 -6.92
C ILE A 340 8.08 -5.16 -8.33
N PHE A 341 8.69 -5.89 -9.26
CA PHE A 341 8.27 -5.88 -10.65
C PHE A 341 8.01 -7.28 -11.20
N SER A 342 8.74 -8.27 -10.68
CA SER A 342 8.72 -9.62 -11.22
C SER A 342 8.34 -10.64 -10.14
N GLY A 343 7.99 -11.85 -10.59
CA GLY A 343 7.74 -12.91 -9.64
C GLY A 343 8.95 -13.22 -8.79
N LEU A 344 10.15 -13.06 -9.34
CA LEU A 344 11.36 -13.26 -8.55
C LEU A 344 11.49 -12.21 -7.45
N ASP A 345 11.19 -10.95 -7.78
CA ASP A 345 11.20 -9.90 -6.76
C ASP A 345 10.29 -10.28 -5.60
N ALA A 346 9.09 -10.78 -5.90
CA ALA A 346 8.17 -11.17 -4.85
C ALA A 346 8.75 -12.28 -3.99
N LEU A 347 9.34 -13.30 -4.63
CA LEU A 347 9.92 -14.40 -3.87
C LEU A 347 11.06 -13.91 -2.99
N GLU A 348 11.87 -12.98 -3.50
CA GLU A 348 12.91 -12.39 -2.68
C GLU A 348 12.33 -11.76 -1.41
N LYS A 349 11.25 -11.00 -1.57
CA LYS A 349 10.58 -10.42 -0.40
C LYS A 349 10.06 -11.52 0.51
N ILE A 350 9.43 -12.55 -0.06
CA ILE A 350 8.85 -13.61 0.76
C ILE A 350 9.94 -14.37 1.51
N GLU A 351 10.97 -14.80 0.79
CA GLU A 351 12.08 -15.52 1.43
C GLU A 351 12.81 -14.65 2.44
N ALA A 352 12.69 -13.32 2.33
CA ALA A 352 13.28 -12.43 3.32
C ALA A 352 12.42 -12.28 4.56
N GLY A 353 11.12 -12.59 4.47
CA GLY A 353 10.26 -12.57 5.63
C GLY A 353 8.88 -11.98 5.40
N ALA A 354 8.62 -11.52 4.18
CA ALA A 354 7.37 -10.83 3.91
C ALA A 354 6.23 -11.83 3.69
N SER A 355 5.02 -11.41 4.07
CA SER A 355 3.82 -12.19 3.86
C SER A 355 3.02 -11.75 2.64
N VAL A 356 3.12 -10.47 2.25
CA VAL A 356 2.33 -9.92 1.15
C VAL A 356 3.16 -8.84 0.47
N CYS A 357 2.75 -8.46 -0.75
CA CYS A 357 3.48 -7.52 -1.58
C CYS A 357 2.55 -6.44 -2.12
N GLN A 358 3.12 -5.25 -2.33
CA GLN A 358 2.41 -4.13 -2.94
C GLN A 358 3.19 -3.65 -4.15
N LEU A 359 2.47 -3.22 -5.19
CA LEU A 359 3.08 -2.73 -6.41
C LEU A 359 2.67 -1.29 -6.66
N TYR A 360 3.54 -0.54 -7.34
CA TYR A 360 3.21 0.80 -7.79
C TYR A 360 3.95 1.10 -9.10
N SER A 361 5.28 1.24 -9.00
CA SER A 361 6.08 1.57 -10.18
C SER A 361 5.87 0.56 -11.29
N CYS A 362 5.70 -0.72 -10.94
CA CYS A 362 5.46 -1.74 -11.94
C CYS A 362 4.27 -1.37 -12.82
N LEU A 363 3.20 -0.90 -12.20
CA LEU A 363 2.03 -0.49 -12.98
C LEU A 363 2.33 0.68 -13.89
N VAL A 364 3.24 1.56 -13.47
CA VAL A 364 3.59 2.71 -14.30
C VAL A 364 4.30 2.26 -15.58
N PHE A 365 5.22 1.30 -15.46
CA PHE A 365 6.06 0.93 -16.58
C PHE A 365 5.55 -0.28 -17.35
N ASN A 366 4.71 -1.13 -16.74
CA ASN A 366 4.16 -2.30 -17.42
C ASN A 366 2.67 -2.20 -17.69
N GLY A 367 1.95 -1.33 -16.97
CA GLY A 367 0.55 -1.09 -17.28
C GLY A 367 -0.40 -2.18 -16.80
N MET A 368 -1.39 -2.49 -17.64
CA MET A 368 -2.52 -3.30 -17.18
C MET A 368 -2.11 -4.72 -16.81
N LYS A 369 -1.05 -5.24 -17.42
CA LYS A 369 -0.69 -6.65 -17.28
C LYS A 369 0.07 -6.95 -15.99
N SER A 370 0.23 -5.99 -15.09
CA SER A 370 1.13 -6.16 -13.96
C SER A 370 0.73 -7.36 -13.11
N ALA A 371 -0.52 -7.42 -12.68
CA ALA A 371 -0.93 -8.44 -11.71
C ALA A 371 -0.91 -9.83 -12.34
N VAL A 372 -1.48 -9.95 -13.54
CA VAL A 372 -1.55 -11.27 -14.18
C VAL A 372 -0.15 -11.83 -14.39
N GLN A 373 0.78 -11.00 -14.86
CA GLN A 373 2.13 -11.48 -15.12
C GLN A 373 2.83 -11.91 -13.84
N ILE A 374 2.78 -11.07 -12.81
CA ILE A 374 3.54 -11.37 -11.61
C ILE A 374 2.95 -12.56 -10.87
N LYS A 375 1.63 -12.72 -10.91
CA LYS A 375 1.02 -13.89 -10.28
C LYS A 375 1.44 -15.18 -10.99
N ARG A 376 1.43 -15.16 -12.32
CA ARG A 376 1.87 -16.34 -13.08
C ARG A 376 3.34 -16.63 -12.82
N GLU A 377 4.18 -15.59 -12.87
CA GLU A 377 5.61 -15.78 -12.63
C GLU A 377 5.85 -16.42 -11.27
N LEU A 378 5.23 -15.89 -10.22
CA LEU A 378 5.48 -16.42 -8.88
C LEU A 378 4.99 -17.86 -8.76
N ASN A 379 3.83 -18.17 -9.35
CA ASN A 379 3.33 -19.54 -9.29
C ASN A 379 4.34 -20.51 -9.88
N HIS A 380 4.88 -20.21 -11.06
CA HIS A 380 5.86 -21.08 -11.68
C HIS A 380 7.09 -21.23 -10.81
N LEU A 381 7.66 -20.11 -10.35
CA LEU A 381 8.83 -20.17 -9.49
C LEU A 381 8.55 -20.92 -8.21
N LEU A 382 7.32 -20.79 -7.68
CA LEU A 382 7.00 -21.44 -6.41
C LEU A 382 7.04 -22.95 -6.53
N TYR A 383 6.55 -23.50 -7.64
CA TYR A 383 6.69 -24.93 -7.85
C TYR A 383 8.15 -25.30 -8.06
N GLN A 384 8.88 -24.51 -8.86
CA GLN A 384 10.24 -24.87 -9.22
C GLN A 384 11.10 -25.10 -7.97
N ARG A 385 11.01 -24.22 -6.98
CA ARG A 385 11.80 -24.36 -5.77
C ARG A 385 11.25 -25.43 -4.83
N GLY A 386 10.17 -26.10 -5.20
CA GLY A 386 9.68 -27.23 -4.44
C GLY A 386 8.72 -26.92 -3.32
N TYR A 387 8.31 -25.67 -3.16
CA TYR A 387 7.39 -25.33 -2.10
C TYR A 387 6.00 -25.90 -2.37
N TYR A 388 5.36 -26.40 -1.32
CA TYR A 388 3.95 -26.80 -1.43
C TYR A 388 3.06 -25.56 -1.55
N ASN A 389 3.37 -24.51 -0.81
CA ASN A 389 2.63 -23.25 -0.89
C ASN A 389 3.58 -22.12 -0.52
N LEU A 390 3.16 -20.90 -0.81
CA LEU A 390 4.05 -19.77 -0.59
C LEU A 390 4.08 -19.35 0.87
N LYS A 391 3.01 -19.60 1.63
CA LYS A 391 3.02 -19.25 3.05
C LYS A 391 4.13 -19.99 3.79
N GLU A 392 4.46 -21.21 3.36
CA GLU A 392 5.58 -21.94 3.94
C GLU A 392 6.92 -21.28 3.63
N ALA A 393 6.95 -20.39 2.63
CA ALA A 393 8.21 -19.82 2.16
C ALA A 393 8.63 -18.56 2.91
N ILE A 394 7.78 -18.03 3.78
CA ILE A 394 8.10 -16.78 4.47
C ILE A 394 9.40 -16.96 5.25
N GLY A 395 10.43 -16.21 4.87
CA GLY A 395 11.72 -16.27 5.53
C GLY A 395 12.53 -17.49 5.24
N ARG A 396 12.13 -18.30 4.25
CA ARG A 396 12.77 -19.60 4.02
C ARG A 396 14.06 -19.48 3.21
N LYS A 397 14.96 -18.61 3.62
CA LYS A 397 16.25 -18.51 2.93
C LYS A 397 17.25 -17.71 3.76
C01 A1A59 B . 3.53 8.29 -10.70
C02 A1A59 B . 2.48 8.98 -11.61
C04 A1A59 B . 1.07 7.27 -12.85
C05 A1A59 B . 0.82 6.42 -14.08
C06 A1A59 B . -0.41 5.49 -14.14
C07 A1A59 B . -0.92 5.11 -12.75
C08 A1A59 B . -0.83 4.05 -13.84
C09 A1A59 B . 1.80 6.47 -15.24
C10 A1A59 B . 1.85 5.80 -16.51
C11 A1A59 B . 0.85 4.75 -17.10
C13 A1A59 B . -1.20 4.07 -17.39
C14 A1A59 B . -2.37 4.16 -18.42
C15 A1A59 B . -2.09 4.90 -19.63
C16 A1A59 B . -3.19 5.90 -20.00
C17 A1A59 B . -3.57 5.05 -21.21
C18 A1A59 B . -2.41 4.09 -20.90
C19 A1A59 B . -0.70 5.32 -19.72
C20 A1A59 B . -0.31 6.06 -18.44
C22 A1A59 B . 3.40 5.80 -18.48
C24 A1A59 B . 2.92 7.30 -15.19
C25 A1A59 B . 3.17 8.19 -13.93
N03 A1A59 B . 2.24 8.14 -12.80
N12 A1A59 B . -0.28 5.18 -17.30
N21 A1A59 B . 2.96 6.23 -17.14
N23 A1A59 B . 3.60 7.15 -16.34
O26 A1A59 B . 4.13 8.90 -13.88
H013 A1A59 B . 3.81 8.91 -10.01
H012 A1A59 B . 4.30 8.03 -11.24
H011 A1A59 B . 3.14 7.50 -10.30
H021 A1A59 B . 2.81 9.84 -11.88
H022 A1A59 B . 1.65 9.09 -11.11
H041 A1A59 B . 0.47 7.25 -12.14
H061 A1A59 B . -1.13 5.94 -14.62
H072 A1A59 B . -0.25 5.06 -12.06
H071 A1A59 B . -1.82 5.42 -12.54
H082 A1A59 B . -1.68 3.76 -14.22
H081 A1A59 B . -0.11 3.41 -13.74
H112 A1A59 B . 1.20 4.42 -17.94
H111 A1A59 B . 0.77 4.00 -16.47
H132 A1A59 B . -0.69 3.28 -17.60
H131 A1A59 B . -1.61 3.96 -16.51
H141 A1A59 B . -3.11 4.60 -17.98
H142 A1A59 B . -2.61 3.26 -18.66
H162 A1A59 B . -2.84 6.77 -20.26
H161 A1A59 B . -3.89 5.95 -19.33
H172 A1A59 B . -4.44 4.63 -21.11
H171 A1A59 B . -3.45 5.52 -22.06
H181 A1A59 B . -2.73 3.19 -20.70
H182 A1A59 B . -1.71 4.13 -21.56
H191 A1A59 B . -0.15 4.53 -19.82
H192 A1A59 B . -0.59 5.89 -20.48
H201 A1A59 B . 0.57 6.45 -18.57
H202 A1A59 B . -0.95 6.77 -18.27
H221 A1A59 B . 2.63 5.71 -19.05
H222 A1A59 B . 3.86 4.96 -18.41
H223 A1A59 B . 4.00 6.47 -18.85
N1 FMN C . 3.05 5.89 0.15
C2 FMN C . 2.14 6.15 1.15
O2 FMN C . 2.18 5.49 2.19
N3 FMN C . 1.19 7.14 1.01
C4 FMN C . 1.15 7.88 -0.15
O4 FMN C . 0.32 8.77 -0.30
C4A FMN C . 2.07 7.62 -1.17
N5 FMN C . 2.02 8.37 -2.32
C5A FMN C . 2.91 8.12 -3.33
C6 FMN C . 2.85 8.89 -4.49
C7 FMN C . 3.73 8.67 -5.53
C7M FMN C . 3.60 9.53 -6.76
C8 FMN C . 4.70 7.68 -5.41
C8M FMN C . 5.68 7.38 -6.50
C9 FMN C . 4.76 6.91 -4.25
C9A FMN C . 3.87 7.12 -3.20
N10 FMN C . 3.92 6.37 -2.04
C10 FMN C . 3.02 6.63 -1.02
C1' FMN C . 4.95 5.30 -1.86
C2' FMN C . 4.48 3.99 -2.47
O2' FMN C . 3.28 3.61 -1.83
C3' FMN C . 5.51 2.87 -2.33
O3' FMN C . 5.72 2.62 -0.96
C4' FMN C . 6.83 3.22 -3.00
O4' FMN C . 6.59 4.08 -4.09
C5' FMN C . 7.56 1.98 -3.51
O5' FMN C . 6.78 1.34 -4.50
P FMN C . 7.43 0.87 -5.90
O1P FMN C . 7.18 1.96 -6.91
O2P FMN C . 6.79 -0.41 -6.37
O3P FMN C . 8.92 0.67 -5.73
HN3 FMN C . 0.52 7.33 1.77
H6 FMN C . 2.08 9.66 -4.57
HM71 FMN C . 4.28 9.16 -7.52
HM72 FMN C . 3.87 10.56 -6.51
HM73 FMN C . 2.58 9.49 -7.13
HM81 FMN C . 6.26 6.51 -6.25
HM82 FMN C . 6.35 8.25 -6.62
HM83 FMN C . 5.15 7.22 -7.44
H9 FMN C . 5.51 6.13 -4.16
H1'1 FMN C . 5.89 5.59 -2.33
H1'2 FMN C . 5.14 5.14 -0.79
H2' FMN C . 4.33 4.14 -3.54
HO2' FMN C . 3.41 2.76 -1.35
H3' FMN C . 5.11 1.98 -2.83
H4' FMN C . 7.45 3.69 -2.24
HO4' FMN C . 6.84 3.63 -4.92
H5'1 FMN C . 7.74 1.29 -2.69
H5'2 FMN C . 8.53 2.26 -3.92
O2 OG6 D . 2.11 11.79 -1.24
C10 OG6 D . 3.33 11.97 -1.16
C06 OG6 D . 4.18 10.78 -0.70
C07 OG6 D . 3.97 10.11 0.45
C09 OG6 D . 4.82 9.00 0.80
O02 OG6 D . 4.73 8.32 1.80
N05 OG6 D . 5.83 8.75 -0.12
C08 OG6 D . 6.07 9.42 -1.30
O01 OG6 D . 6.97 9.12 -2.04
N04 OG6 D . 5.20 10.44 -1.53
O1 OG6 D . 3.99 13.00 -1.39
H2 OG6 D . 3.27 10.35 1.02
H4 OG6 D . 6.36 8.09 0.05
H3 OG6 D . 5.29 10.91 -2.23
#